data_9JT6
#
_entry.id   9JT6
#
_cell.length_a   48.825
_cell.length_b   86.347
_cell.length_c   75.302
_cell.angle_alpha   90.00
_cell.angle_beta   103.05
_cell.angle_gamma   90.00
#
_symmetry.space_group_name_H-M   'P 1 21 1'
#
loop_
_entity.id
_entity.type
_entity.pdbx_description
1 polymer 'Aldo-keto reductase family 1 member C3'
2 non-polymer 'NADP NICOTINAMIDE-ADENINE-DINUCLEOTIDE PHOSPHATE'
3 non-polymer '4-[[(7-fluoranyl-3,4-dihydro-2~{H}-chromen-3-yl)carbonyl-methyl-amino]methyl]benzoic acid'
4 water water
#
_entity_poly.entity_id   1
_entity_poly.type   'polypeptide(L)'
_entity_poly.pdbx_seq_one_letter_code
;MHHHHHHDSKHQCVKLNDGHFMPVLGFGTYAPPEVPRSKALEVTKLAIEAGFRHIDSAHLYNNEEQVGLAIRSKIADGSV
KREDIFYTSKLWSTFHRPELVRPALENSLKKAQLDYVDLYLIHSPMSLKPGEELSPTDENGKVIFDIVDLCTTWEAMEKC
KDAGLAKSIGVSNFNRRQLEMILNKPGLKYKPVCNQVECHPYFNRSKLLDFCKSKDIVLVAYSALGSQRDKRWVDPNSPV
LLEDPVLCALAKKHKRTPALIALRYQLQRGVVVLAKSYNEQRIRQNVQVFEFQLTAEDMKAIDGLDRNLHYFNSDSFASH
PNYPYSDEY
;
_entity_poly.pdbx_strand_id   A,B
#
# COMPACT_ATOMS: atom_id res chain seq x y z
N GLN A 12 -14.41 23.39 17.95
CA GLN A 12 -13.72 22.55 18.93
C GLN A 12 -12.21 22.75 18.83
N CYS A 13 -11.55 22.62 19.98
CA CYS A 13 -10.10 22.55 20.08
C CYS A 13 -9.70 21.23 20.71
N VAL A 14 -8.46 20.83 20.47
CA VAL A 14 -7.87 19.65 21.08
C VAL A 14 -6.82 20.11 22.08
N LYS A 15 -6.79 19.47 23.24
CA LYS A 15 -5.74 19.73 24.23
C LYS A 15 -4.45 19.05 23.79
N LEU A 16 -3.39 19.85 23.62
CA LEU A 16 -2.07 19.32 23.30
C LEU A 16 -1.43 18.71 24.55
N ASN A 17 -0.34 17.98 24.35
CA ASN A 17 0.27 17.31 25.49
C ASN A 17 1.05 18.25 26.40
N ASP A 18 1.21 19.52 26.01
CA ASP A 18 1.77 20.55 26.87
C ASP A 18 0.71 21.44 27.50
N GLY A 19 -0.57 21.06 27.41
CA GLY A 19 -1.65 21.78 28.03
C GLY A 19 -2.29 22.86 27.19
N HIS A 20 -1.63 23.27 26.10
CA HIS A 20 -2.22 24.26 25.21
C HIS A 20 -3.25 23.61 24.30
N PHE A 21 -4.14 24.44 23.76
CA PHE A 21 -5.25 23.97 22.93
C PHE A 21 -5.11 24.44 21.49
N MET A 22 -5.38 23.52 20.57
CA MET A 22 -5.23 23.73 19.14
C MET A 22 -6.57 23.56 18.43
N PRO A 23 -7.05 24.55 17.69
CA PRO A 23 -8.29 24.35 16.91
C PRO A 23 -8.12 23.24 15.89
N VAL A 24 -9.13 22.37 15.81
CA VAL A 24 -9.01 21.17 14.98
C VAL A 24 -9.14 21.46 13.49
N LEU A 25 -9.50 22.69 13.12
CA LEU A 25 -9.54 23.09 11.72
C LEU A 25 -8.56 24.24 11.53
N GLY A 26 -7.59 24.04 10.63
CA GLY A 26 -6.58 25.04 10.35
C GLY A 26 -6.66 25.49 8.91
N PHE A 27 -6.23 26.73 8.68
CA PHE A 27 -6.20 27.33 7.36
C PHE A 27 -4.78 27.22 6.81
N GLY A 28 -4.64 26.57 5.65
CA GLY A 28 -3.35 26.48 5.00
C GLY A 28 -3.12 27.71 4.13
N THR A 29 -1.96 28.34 4.33
CA THR A 29 -1.66 29.60 3.68
C THR A 29 -0.76 29.46 2.46
N TYR A 30 -0.22 28.27 2.19
CA TYR A 30 0.77 28.15 1.14
C TYR A 30 0.14 28.34 -0.23
N ALA A 31 0.82 29.11 -1.07
CA ALA A 31 0.46 29.29 -2.48
C ALA A 31 1.74 29.23 -3.29
N PRO A 32 1.66 28.76 -4.54
CA PRO A 32 2.87 28.70 -5.37
C PRO A 32 3.38 30.08 -5.68
N PRO A 33 4.68 30.21 -5.98
CA PRO A 33 5.27 31.55 -6.11
C PRO A 33 4.69 32.40 -7.24
N GLU A 34 4.03 31.80 -8.23
CA GLU A 34 3.39 32.61 -9.26
C GLU A 34 2.10 33.27 -8.75
N VAL A 35 1.71 33.02 -7.51
CA VAL A 35 0.58 33.68 -6.89
C VAL A 35 1.10 34.95 -6.23
N PRO A 36 0.60 36.14 -6.60
CA PRO A 36 1.09 37.38 -5.98
C PRO A 36 0.89 37.34 -4.46
N ARG A 37 1.85 37.94 -3.76
CA ARG A 37 1.86 37.85 -2.30
C ARG A 37 0.69 38.59 -1.67
N SER A 38 0.07 39.52 -2.40
CA SER A 38 -1.10 40.22 -1.87
C SER A 38 -2.22 39.25 -1.54
N LYS A 39 -2.38 38.20 -2.36
CA LYS A 39 -3.47 37.25 -2.20
C LYS A 39 -3.42 36.58 -0.82
N ALA A 40 -2.23 36.24 -0.34
CA ALA A 40 -2.10 35.60 0.97
C ALA A 40 -2.64 36.51 2.07
N LEU A 41 -2.42 37.82 1.91
CA LEU A 41 -3.00 38.77 2.84
C LEU A 41 -4.52 38.78 2.76
N GLU A 42 -5.07 38.90 1.55
CA GLU A 42 -6.52 39.03 1.43
C GLU A 42 -7.24 37.79 1.90
N VAL A 43 -6.72 36.60 1.57
CA VAL A 43 -7.45 35.37 1.88
C VAL A 43 -7.36 35.03 3.36
N THR A 44 -6.22 35.30 4.01
CA THR A 44 -6.11 35.07 5.44
C THR A 44 -7.13 35.90 6.22
N LYS A 45 -7.36 37.13 5.76
CA LYS A 45 -8.44 37.93 6.34
C LYS A 45 -9.78 37.25 6.16
N LEU A 46 -10.09 36.82 4.92
CA LEU A 46 -11.34 36.14 4.67
C LEU A 46 -11.48 34.89 5.52
N ALA A 47 -10.39 34.14 5.70
CA ALA A 47 -10.43 32.94 6.52
C ALA A 47 -10.77 33.28 7.96
N ILE A 48 -10.22 34.37 8.49
CA ILE A 48 -10.53 34.75 9.87
C ILE A 48 -11.97 35.23 9.96
N GLU A 49 -12.46 35.95 8.95
CA GLU A 49 -13.87 36.36 8.93
C GLU A 49 -14.80 35.15 8.81
N ALA A 50 -14.39 34.14 8.04
CA ALA A 50 -15.21 32.94 7.89
C ALA A 50 -15.27 32.11 9.16
N GLY A 51 -14.29 32.25 10.05
CA GLY A 51 -14.31 31.48 11.29
C GLY A 51 -13.05 30.68 11.57
N PHE A 52 -12.08 30.73 10.66
CA PHE A 52 -10.79 30.11 10.94
C PHE A 52 -10.06 30.84 12.05
N ARG A 53 -9.55 30.09 13.00
CA ARG A 53 -8.66 30.64 14.03
C ARG A 53 -7.26 30.04 13.99
N HIS A 54 -7.13 28.82 13.48
CA HIS A 54 -5.85 28.14 13.33
C HIS A 54 -5.29 28.48 11.96
N ILE A 55 -4.08 29.04 11.91
CA ILE A 55 -3.46 29.51 10.68
C ILE A 55 -2.08 28.87 10.56
N ASP A 56 -1.83 28.20 9.44
CA ASP A 56 -0.60 27.44 9.22
C ASP A 56 0.23 28.16 8.17
N SER A 57 1.35 28.74 8.60
CA SER A 57 2.31 29.35 7.69
C SER A 57 3.67 28.69 7.91
N ALA A 58 4.70 29.23 7.26
CA ALA A 58 6.05 28.67 7.33
C ALA A 58 7.00 29.63 6.64
N HIS A 59 8.27 29.55 7.05
CA HIS A 59 9.30 30.35 6.39
C HIS A 59 9.38 30.00 4.91
N LEU A 60 9.13 28.74 4.56
CA LEU A 60 9.24 28.31 3.17
C LEU A 60 8.21 29.01 2.28
N TYR A 61 7.07 29.40 2.84
CA TYR A 61 5.94 29.88 2.04
C TYR A 61 6.14 31.28 1.50
N ASN A 62 7.13 32.02 2.01
CA ASN A 62 7.38 33.40 1.59
C ASN A 62 6.11 34.25 1.71
N ASN A 63 5.37 34.04 2.80
CA ASN A 63 4.13 34.79 3.00
C ASN A 63 3.94 35.23 4.45
N GLU A 64 4.95 35.03 5.31
CA GLU A 64 4.77 35.31 6.73
C GLU A 64 4.46 36.78 6.99
N GLU A 65 5.02 37.68 6.18
CA GLU A 65 4.69 39.10 6.31
C GLU A 65 3.22 39.35 6.00
N GLN A 66 2.72 38.76 4.91
CA GLN A 66 1.34 39.01 4.52
C GLN A 66 0.36 38.31 5.46
N VAL A 67 0.63 37.05 5.81
CA VAL A 67 -0.25 36.34 6.74
C VAL A 67 -0.26 37.03 8.09
N GLY A 68 0.92 37.42 8.57
CA GLY A 68 0.99 38.13 9.84
C GLY A 68 0.21 39.43 9.81
N LEU A 69 0.24 40.14 8.69
CA LEU A 69 -0.38 41.45 8.66
C LEU A 69 -1.89 41.31 8.63
N ALA A 70 -2.38 40.21 8.03
CA ALA A 70 -3.81 39.90 8.08
C ALA A 70 -4.26 39.62 9.50
N ILE A 71 -3.48 38.85 10.25
CA ILE A 71 -3.81 38.57 11.65
C ILE A 71 -3.82 39.86 12.45
N ARG A 72 -2.77 40.67 12.29
CA ARG A 72 -2.68 41.92 13.03
C ARG A 72 -3.79 42.89 12.61
N SER A 73 -4.15 42.88 11.32
CA SER A 73 -5.25 43.71 10.86
C SER A 73 -6.55 43.33 11.54
N LYS A 74 -6.83 42.02 11.64
CA LYS A 74 -8.08 41.58 12.27
C LYS A 74 -8.08 41.85 13.76
N ILE A 75 -6.92 41.81 14.42
CA ILE A 75 -6.83 42.17 15.82
C ILE A 75 -7.10 43.66 16.01
N ALA A 76 -6.45 44.50 15.19
CA ALA A 76 -6.50 45.94 15.41
C ALA A 76 -7.88 46.51 15.18
N ASP A 77 -8.68 45.90 14.32
CA ASP A 77 -10.03 46.39 14.03
C ASP A 77 -11.08 45.79 14.96
N GLY A 78 -10.67 45.02 15.97
CA GLY A 78 -11.58 44.48 16.95
C GLY A 78 -12.23 43.16 16.58
N SER A 79 -11.93 42.61 15.41
CA SER A 79 -12.55 41.36 14.99
C SER A 79 -12.19 40.23 15.95
N VAL A 80 -10.90 40.03 16.22
CA VAL A 80 -10.42 38.99 17.11
C VAL A 80 -9.32 39.56 17.99
N LYS A 81 -8.99 38.82 19.03
CA LYS A 81 -7.83 39.11 19.86
C LYS A 81 -6.72 38.14 19.53
N ARG A 82 -5.48 38.54 19.87
CA ARG A 82 -4.34 37.69 19.55
C ARG A 82 -4.48 36.32 20.17
N GLU A 83 -5.16 36.25 21.32
CA GLU A 83 -5.32 34.99 22.03
C GLU A 83 -6.19 34.02 21.24
N ASP A 84 -7.10 34.54 20.41
CA ASP A 84 -8.03 33.70 19.66
C ASP A 84 -7.36 33.02 18.48
N ILE A 85 -6.21 33.51 18.06
CA ILE A 85 -5.55 33.04 16.85
C ILE A 85 -4.47 32.05 17.25
N PHE A 86 -4.50 30.87 16.63
CA PHE A 86 -3.47 29.84 16.82
C PHE A 86 -2.60 29.88 15.57
N TYR A 87 -1.42 30.48 15.68
CA TYR A 87 -0.57 30.73 14.53
C TYR A 87 0.60 29.75 14.54
N THR A 88 0.81 29.07 13.42
CA THR A 88 1.88 28.11 13.27
C THR A 88 2.90 28.61 12.27
N SER A 89 4.17 28.56 12.63
CA SER A 89 5.27 28.67 11.67
C SER A 89 6.12 27.41 11.77
N LYS A 90 7.08 27.29 10.84
CA LYS A 90 7.89 26.08 10.75
C LYS A 90 9.35 26.43 10.45
N LEU A 91 10.24 25.66 11.05
CA LEU A 91 11.68 25.79 10.82
C LEU A 91 12.05 25.10 9.52
N TRP A 92 12.63 25.85 8.58
CA TRP A 92 13.00 25.24 7.31
C TRP A 92 14.29 24.43 7.47
N SER A 93 14.48 23.48 6.54
CA SER A 93 15.50 22.44 6.66
C SER A 93 16.93 22.95 6.51
N THR A 94 17.12 24.18 6.02
CA THR A 94 18.45 24.78 6.00
C THR A 94 18.85 25.37 7.35
N PHE A 95 17.97 25.34 8.34
CA PHE A 95 18.23 25.92 9.65
C PHE A 95 18.24 24.87 10.75
N HIS A 96 18.50 23.61 10.40
CA HIS A 96 18.42 22.54 11.38
C HIS A 96 19.57 22.57 12.38
N ARG A 97 20.73 23.10 11.99
CA ARG A 97 21.86 23.17 12.90
C ARG A 97 21.45 23.96 14.13
N PRO A 98 21.76 23.47 15.34
CA PRO A 98 21.11 24.03 16.55
C PRO A 98 21.30 25.53 16.72
N GLU A 99 22.46 26.07 16.36
CA GLU A 99 22.69 27.50 16.55
C GLU A 99 21.83 28.35 15.64
N LEU A 100 21.25 27.77 14.59
CA LEU A 100 20.41 28.49 13.64
C LEU A 100 18.94 28.48 13.99
N VAL A 101 18.51 27.66 14.98
CA VAL A 101 17.08 27.45 15.20
C VAL A 101 16.42 28.71 15.77
N ARG A 102 16.95 29.23 16.88
CA ARG A 102 16.36 30.44 17.45
C ARG A 102 16.40 31.63 16.51
N PRO A 103 17.51 31.95 15.83
CA PRO A 103 17.46 33.06 14.87
C PRO A 103 16.40 32.87 13.79
N ALA A 104 16.17 31.63 13.34
CA ALA A 104 15.12 31.39 12.35
C ALA A 104 13.74 31.69 12.90
N LEU A 105 13.49 31.30 14.15
CA LEU A 105 12.20 31.62 14.77
C LEU A 105 12.07 33.12 14.98
N GLU A 106 13.14 33.78 15.46
CA GLU A 106 13.11 35.22 15.66
C GLU A 106 12.87 35.94 14.33
N ASN A 107 13.51 35.47 13.26
CA ASN A 107 13.29 36.06 11.94
C ASN A 107 11.84 35.88 11.50
N SER A 108 11.26 34.71 11.78
CA SER A 108 9.86 34.47 11.47
C SER A 108 8.95 35.41 12.26
N LEU A 109 9.30 35.66 13.52
CA LEU A 109 8.48 36.54 14.37
C LEU A 109 8.49 37.97 13.84
N LYS A 110 9.66 38.46 13.40
CA LYS A 110 9.74 39.82 12.84
C LYS A 110 8.94 39.96 11.56
N LYS A 111 9.00 38.96 10.68
CA LYS A 111 8.21 39.03 9.45
C LYS A 111 6.72 39.11 9.75
N ALA A 112 6.23 38.25 10.65
CA ALA A 112 4.83 38.29 11.04
C ALA A 112 4.52 39.42 12.01
N GLN A 113 5.55 40.03 12.62
CA GLN A 113 5.37 41.10 13.61
C GLN A 113 4.52 40.61 14.77
N LEU A 114 4.77 39.38 15.22
CA LEU A 114 4.08 38.79 16.35
C LEU A 114 5.07 38.55 17.48
N ASP A 115 4.57 38.59 18.71
CA ASP A 115 5.42 38.35 19.87
C ASP A 115 5.80 36.87 20.01
N TYR A 116 4.89 35.98 19.62
CA TYR A 116 5.12 34.55 19.74
C TYR A 116 4.39 33.84 18.61
N VAL A 117 4.78 32.61 18.34
CA VAL A 117 3.96 31.69 17.55
C VAL A 117 3.32 30.73 18.54
N ASP A 118 2.07 30.34 18.28
CA ASP A 118 1.45 29.34 19.13
C ASP A 118 2.11 27.99 18.96
N LEU A 119 2.70 27.75 17.79
CA LEU A 119 3.25 26.44 17.45
C LEU A 119 4.38 26.64 16.45
N TYR A 120 5.53 26.06 16.75
CA TYR A 120 6.69 26.08 15.86
C TYR A 120 7.07 24.66 15.54
N LEU A 121 7.20 24.35 14.25
CA LEU A 121 7.44 22.98 13.80
C LEU A 121 8.80 22.87 13.12
N ILE A 122 9.38 21.68 13.22
CA ILE A 122 10.42 21.25 12.29
C ILE A 122 9.71 20.85 11.00
N HIS A 123 9.94 21.61 9.92
CA HIS A 123 9.16 21.42 8.69
C HIS A 123 9.35 20.02 8.10
N SER A 124 10.58 19.52 8.10
CA SER A 124 10.86 18.22 7.53
C SER A 124 12.08 17.66 8.21
N PRO A 125 12.22 16.34 8.33
CA PRO A 125 13.45 15.77 8.89
C PRO A 125 14.63 15.78 7.94
N MET A 126 14.43 16.26 6.71
CA MET A 126 15.43 16.14 5.64
C MET A 126 16.30 17.39 5.63
N SER A 127 17.36 17.38 6.44
CA SER A 127 18.20 18.55 6.61
C SER A 127 18.86 18.94 5.30
N LEU A 128 19.05 20.25 5.10
CA LEU A 128 19.62 20.80 3.87
C LEU A 128 20.79 21.71 4.21
N LYS A 129 21.62 21.96 3.21
CA LYS A 129 22.83 22.75 3.39
C LYS A 129 22.49 24.14 3.91
N PRO A 130 23.11 24.59 5.01
CA PRO A 130 22.83 25.93 5.52
C PRO A 130 23.40 27.01 4.61
N GLY A 131 22.62 28.06 4.41
CA GLY A 131 23.03 29.18 3.58
C GLY A 131 22.05 30.34 3.60
N VAL A 143 19.62 19.72 -4.96
CA VAL A 143 19.46 20.14 -3.58
C VAL A 143 20.60 19.53 -2.76
N ILE A 144 21.21 20.33 -1.90
CA ILE A 144 22.39 19.92 -1.15
C ILE A 144 21.95 19.41 0.22
N PHE A 145 22.15 18.12 0.46
CA PHE A 145 21.81 17.55 1.75
C PHE A 145 22.79 18.01 2.82
N ASP A 146 22.34 17.92 4.08
CA ASP A 146 23.21 18.17 5.22
C ASP A 146 22.93 17.09 6.25
N ILE A 147 23.91 16.86 7.10
CA ILE A 147 23.82 15.83 8.14
C ILE A 147 23.75 16.54 9.49
N VAL A 148 22.57 16.49 10.11
CA VAL A 148 22.32 17.08 11.42
C VAL A 148 21.63 16.04 12.28
N ASP A 149 22.05 15.93 13.54
CA ASP A 149 21.33 15.10 14.49
C ASP A 149 20.12 15.88 14.97
N LEU A 150 18.92 15.43 14.57
CA LEU A 150 17.69 16.18 14.86
C LEU A 150 17.38 16.24 16.34
N CYS A 151 18.04 15.43 17.17
CA CYS A 151 17.91 15.57 18.62
C CYS A 151 18.45 16.92 19.08
N THR A 152 19.57 17.35 18.50
CA THR A 152 20.11 18.66 18.83
C THR A 152 19.22 19.77 18.31
N THR A 153 18.64 19.59 17.11
CA THR A 153 17.66 20.55 16.61
C THR A 153 16.47 20.65 17.56
N TRP A 154 16.03 19.51 18.11
CA TRP A 154 14.91 19.53 19.04
C TRP A 154 15.27 20.22 20.34
N GLU A 155 16.52 20.07 20.80
CA GLU A 155 16.93 20.75 22.02
C GLU A 155 16.82 22.26 21.86
N ALA A 156 17.23 22.78 20.70
CA ALA A 156 17.06 24.20 20.43
C ALA A 156 15.58 24.55 20.26
N MET A 157 14.78 23.63 19.71
CA MET A 157 13.33 23.79 19.70
C MET A 157 12.81 24.00 21.12
N GLU A 158 13.26 23.14 22.05
CA GLU A 158 12.83 23.24 23.44
C GLU A 158 13.24 24.57 24.06
N LYS A 159 14.44 25.05 23.74
CA LYS A 159 14.90 26.33 24.27
C LYS A 159 13.97 27.47 23.86
N CYS A 160 13.49 27.44 22.61
CA CYS A 160 12.56 28.46 22.14
C CYS A 160 11.25 28.41 22.92
N LYS A 161 10.77 27.21 23.23
CA LYS A 161 9.55 27.11 24.04
C LYS A 161 9.80 27.66 25.45
N ASP A 162 10.96 27.35 26.03
CA ASP A 162 11.27 27.85 27.36
C ASP A 162 11.45 29.36 27.36
N ALA A 163 11.88 29.93 26.23
CA ALA A 163 12.06 31.38 26.14
C ALA A 163 10.75 32.11 25.85
N GLY A 164 9.65 31.39 25.65
CA GLY A 164 8.36 32.01 25.41
C GLY A 164 8.10 32.39 23.97
N LEU A 165 9.05 32.18 23.07
CA LEU A 165 8.86 32.56 21.68
C LEU A 165 7.90 31.62 20.96
N ALA A 166 7.82 30.37 21.40
CA ALA A 166 6.86 29.42 20.88
C ALA A 166 6.09 28.81 22.04
N LYS A 167 4.76 28.87 21.97
CA LYS A 167 3.96 28.30 23.04
C LYS A 167 4.01 26.78 23.02
N SER A 168 4.04 26.19 21.83
CA SER A 168 4.14 24.75 21.65
C SER A 168 5.13 24.47 20.52
N ILE A 169 5.75 23.29 20.56
CA ILE A 169 6.66 22.86 19.51
C ILE A 169 6.27 21.47 19.04
N GLY A 170 6.57 21.19 17.77
CA GLY A 170 6.28 19.90 17.19
C GLY A 170 7.12 19.67 15.96
N VAL A 171 6.79 18.59 15.24
CA VAL A 171 7.53 18.20 14.04
C VAL A 171 6.56 18.03 12.89
N SER A 172 7.11 17.84 11.70
CA SER A 172 6.33 17.66 10.49
C SER A 172 7.07 16.71 9.56
N ASN A 173 6.31 15.86 8.88
CA ASN A 173 6.83 14.88 7.93
C ASN A 173 7.78 13.88 8.60
N PHE A 174 7.58 13.61 9.89
CA PHE A 174 8.32 12.57 10.58
C PHE A 174 7.60 11.24 10.44
N ASN A 175 8.36 10.17 10.29
CA ASN A 175 7.79 8.83 10.37
C ASN A 175 7.82 8.36 11.82
N ARG A 176 7.45 7.11 12.07
CA ARG A 176 7.44 6.61 13.45
C ARG A 176 8.85 6.58 14.03
N ARG A 177 9.83 6.09 13.26
CA ARG A 177 11.18 5.94 13.78
C ARG A 177 11.78 7.30 14.15
N GLN A 178 11.53 8.32 13.32
CA GLN A 178 12.05 9.66 13.64
C GLN A 178 11.37 10.24 14.87
N LEU A 179 10.08 9.98 15.06
CA LEU A 179 9.42 10.40 16.29
C LEU A 179 10.02 9.69 17.50
N GLU A 180 10.33 8.40 17.36
CA GLU A 180 10.93 7.65 18.46
C GLU A 180 12.29 8.22 18.86
N MET A 181 13.07 8.67 17.87
CA MET A 181 14.36 9.29 18.15
C MET A 181 14.20 10.45 19.12
N ILE A 182 13.14 11.24 18.95
CA ILE A 182 12.87 12.37 19.84
C ILE A 182 12.32 11.88 21.18
N LEU A 183 11.36 10.96 21.14
CA LEU A 183 10.71 10.53 22.38
C LEU A 183 11.66 9.75 23.28
N ASN A 184 12.68 9.10 22.70
CA ASN A 184 13.66 8.36 23.48
C ASN A 184 14.92 9.17 23.76
N LYS A 185 14.94 10.43 23.36
CA LYS A 185 16.07 11.30 23.62
C LYS A 185 16.32 11.42 25.11
N PRO A 186 17.52 11.11 25.61
CA PRO A 186 17.80 11.34 27.02
C PRO A 186 17.83 12.83 27.34
N GLY A 187 17.25 13.20 28.47
CA GLY A 187 17.12 14.58 28.83
C GLY A 187 16.02 15.34 28.12
N LEU A 188 15.17 14.64 27.37
CA LEU A 188 14.05 15.27 26.69
C LEU A 188 13.18 16.03 27.69
N LYS A 189 12.87 17.28 27.35
CA LYS A 189 12.03 18.11 28.22
C LYS A 189 10.60 18.23 27.71
N TYR A 190 10.41 18.36 26.40
CA TYR A 190 9.07 18.49 25.82
C TYR A 190 8.93 17.50 24.67
N LYS A 191 7.92 16.63 24.77
CA LYS A 191 7.52 15.83 23.64
C LYS A 191 6.94 16.73 22.55
N PRO A 192 7.06 16.35 21.28
CA PRO A 192 6.38 17.12 20.23
C PRO A 192 4.87 17.05 20.42
N VAL A 193 4.22 18.21 20.34
CA VAL A 193 2.78 18.22 20.51
C VAL A 193 2.06 17.66 19.29
N CYS A 194 2.71 17.67 18.13
CA CYS A 194 2.03 17.26 16.92
C CYS A 194 3.04 16.80 15.89
N ASN A 195 2.54 16.02 14.94
CA ASN A 195 3.27 15.63 13.73
C ASN A 195 2.39 15.99 12.55
N GLN A 196 2.79 16.99 11.77
CA GLN A 196 2.02 17.42 10.61
C GLN A 196 2.52 16.66 9.39
N VAL A 197 1.66 15.80 8.84
CA VAL A 197 2.02 14.89 7.75
C VAL A 197 0.92 14.92 6.69
N GLU A 198 1.28 14.45 5.50
CA GLU A 198 0.30 14.31 4.43
C GLU A 198 -0.71 13.25 4.82
N CYS A 199 -2.00 13.59 4.75
CA CYS A 199 -3.02 12.65 5.19
C CYS A 199 -4.34 12.99 4.50
N HIS A 200 -4.94 11.98 3.87
CA HIS A 200 -6.16 12.11 3.08
C HIS A 200 -6.68 10.71 2.80
N PRO A 201 -7.90 10.56 2.25
CA PRO A 201 -8.43 9.19 2.06
C PRO A 201 -7.55 8.29 1.23
N TYR A 202 -6.70 8.84 0.35
CA TYR A 202 -5.83 8.01 -0.47
C TYR A 202 -4.52 7.67 0.22
N PHE A 203 -4.21 8.32 1.34
CA PHE A 203 -3.01 8.07 2.14
C PHE A 203 -3.38 8.43 3.57
N ASN A 204 -3.96 7.49 4.31
CA ASN A 204 -4.68 7.87 5.52
C ASN A 204 -3.86 7.74 6.80
N ARG A 205 -2.66 7.15 6.74
CA ARG A 205 -1.72 7.12 7.86
C ARG A 205 -2.33 6.46 9.10
N SER A 206 -3.07 5.37 8.91
CA SER A 206 -3.71 4.72 10.05
C SER A 206 -2.68 4.23 11.07
N LYS A 207 -1.58 3.63 10.60
CA LYS A 207 -0.56 3.12 11.51
C LYS A 207 0.10 4.25 12.31
N LEU A 208 0.46 5.34 11.62
CA LEU A 208 1.13 6.46 12.27
C LEU A 208 0.18 7.19 13.19
N LEU A 209 -1.08 7.33 12.77
CA LEU A 209 -2.09 7.91 13.64
C LEU A 209 -2.20 7.13 14.95
N ASP A 210 -2.32 5.81 14.86
CA ASP A 210 -2.42 4.99 16.07
C ASP A 210 -1.18 5.14 16.94
N PHE A 211 0.00 5.21 16.31
CA PHE A 211 1.22 5.43 17.08
C PHE A 211 1.21 6.81 17.75
N CYS A 212 0.90 7.86 16.99
CA CYS A 212 0.84 9.19 17.58
C CYS A 212 -0.23 9.27 18.67
N LYS A 213 -1.38 8.64 18.43
CA LYS A 213 -2.43 8.58 19.45
C LYS A 213 -1.91 7.93 20.73
N SER A 214 -1.12 6.87 20.59
CA SER A 214 -0.61 6.17 21.77
C SER A 214 0.42 6.99 22.54
N LYS A 215 1.01 8.01 21.91
CA LYS A 215 2.00 8.87 22.56
C LYS A 215 1.47 10.27 22.83
N ASP A 216 0.15 10.47 22.74
CA ASP A 216 -0.47 11.77 23.00
C ASP A 216 0.11 12.85 22.07
N ILE A 217 0.37 12.46 20.83
CA ILE A 217 0.86 13.36 19.80
C ILE A 217 -0.24 13.55 18.77
N VAL A 218 -0.57 14.80 18.47
CA VAL A 218 -1.67 15.08 17.56
C VAL A 218 -1.17 14.97 16.13
N LEU A 219 -1.82 14.12 15.33
CA LEU A 219 -1.53 14.10 13.90
C LEU A 219 -2.28 15.25 13.24
N VAL A 220 -1.55 16.11 12.54
CA VAL A 220 -2.15 17.19 11.75
C VAL A 220 -1.99 16.84 10.28
N ALA A 221 -3.08 16.90 9.54
CA ALA A 221 -3.14 16.43 8.17
C ALA A 221 -3.03 17.61 7.21
N TYR A 222 -2.03 17.55 6.33
CA TYR A 222 -1.98 18.44 5.19
C TYR A 222 -2.29 17.66 3.92
N SER A 223 -2.63 18.39 2.85
CA SER A 223 -3.11 17.81 1.60
C SER A 223 -4.38 16.99 1.82
N ALA A 224 -5.16 17.36 2.84
CA ALA A 224 -6.40 16.67 3.17
C ALA A 224 -7.41 16.74 2.04
N LEU A 225 -7.27 17.71 1.14
CA LEU A 225 -8.16 17.83 -0.01
C LEU A 225 -7.51 17.34 -1.29
N GLY A 226 -6.39 16.62 -1.20
CA GLY A 226 -5.72 16.09 -2.36
C GLY A 226 -4.60 16.93 -2.91
N SER A 227 -4.09 17.91 -2.14
CA SER A 227 -2.97 18.74 -2.52
C SER A 227 -3.34 19.75 -3.60
N GLN A 228 -2.48 20.75 -3.80
CA GLN A 228 -2.67 21.73 -4.87
C GLN A 228 -2.21 21.20 -6.21
N ARG A 229 -1.68 19.98 -6.27
CA ARG A 229 -1.33 19.31 -7.51
C ARG A 229 -0.37 20.15 -8.34
N ASP A 230 0.59 20.78 -7.68
CA ASP A 230 1.56 21.61 -8.37
C ASP A 230 2.40 20.73 -9.29
N LYS A 231 2.57 21.17 -10.54
CA LYS A 231 3.24 20.35 -11.52
C LYS A 231 4.67 20.01 -11.11
N ARG A 232 5.29 20.82 -10.26
CA ARG A 232 6.68 20.60 -9.89
C ARG A 232 6.87 19.47 -8.89
N TRP A 233 5.84 19.08 -8.14
CA TRP A 233 5.98 18.04 -7.13
C TRP A 233 4.92 16.95 -7.16
N VAL A 234 3.79 17.15 -7.83
CA VAL A 234 2.71 16.17 -7.84
C VAL A 234 2.56 15.61 -9.25
N ASP A 235 2.48 14.29 -9.34
CA ASP A 235 2.34 13.63 -10.64
C ASP A 235 1.01 14.04 -11.27
N PRO A 236 1.01 14.54 -12.51
CA PRO A 236 -0.26 14.91 -13.17
C PRO A 236 -1.25 13.76 -13.24
N ASN A 237 -0.76 12.53 -13.43
CA ASN A 237 -1.62 11.37 -13.61
C ASN A 237 -2.06 10.74 -12.30
N SER A 238 -1.64 11.27 -11.16
CA SER A 238 -2.12 10.77 -9.89
C SER A 238 -3.63 11.03 -9.79
N PRO A 239 -4.39 10.12 -9.17
CA PRO A 239 -5.85 10.31 -9.10
C PRO A 239 -6.23 11.57 -8.33
N VAL A 240 -7.25 12.26 -8.83
CA VAL A 240 -7.72 13.48 -8.18
C VAL A 240 -8.61 13.07 -7.02
N LEU A 241 -8.23 13.47 -5.80
CA LEU A 241 -8.93 13.01 -4.60
C LEU A 241 -10.40 13.39 -4.63
N LEU A 242 -10.70 14.62 -5.05
CA LEU A 242 -12.07 15.12 -4.95
C LEU A 242 -12.95 14.65 -6.09
N GLU A 243 -12.41 13.95 -7.09
CA GLU A 243 -13.21 13.25 -8.07
C GLU A 243 -13.49 11.80 -7.65
N ASP A 244 -13.04 11.40 -6.48
CA ASP A 244 -13.16 10.00 -6.08
C ASP A 244 -14.63 9.61 -6.00
N PRO A 245 -15.04 8.50 -6.63
CA PRO A 245 -16.47 8.16 -6.66
C PRO A 245 -17.09 7.92 -5.29
N VAL A 246 -16.32 7.40 -4.32
CA VAL A 246 -16.89 7.16 -2.99
C VAL A 246 -17.14 8.49 -2.27
N LEU A 247 -16.20 9.43 -2.36
CA LEU A 247 -16.39 10.72 -1.70
C LEU A 247 -17.55 11.49 -2.33
N CYS A 248 -17.67 11.46 -3.66
CA CYS A 248 -18.75 12.17 -4.32
C CYS A 248 -20.12 11.55 -4.04
N ALA A 249 -20.16 10.22 -3.93
CA ALA A 249 -21.41 9.56 -3.52
C ALA A 249 -21.79 9.93 -2.10
N LEU A 250 -20.80 9.99 -1.19
CA LEU A 250 -21.08 10.42 0.17
C LEU A 250 -21.47 11.89 0.22
N ALA A 251 -20.84 12.73 -0.60
CA ALA A 251 -21.24 14.13 -0.68
C ALA A 251 -22.69 14.26 -1.13
N LYS A 252 -23.08 13.46 -2.13
CA LYS A 252 -24.47 13.48 -2.57
C LYS A 252 -25.40 12.99 -1.46
N LYS A 253 -24.98 11.95 -0.72
CA LYS A 253 -25.80 11.41 0.35
C LYS A 253 -26.06 12.46 1.43
N HIS A 254 -25.01 13.13 1.90
CA HIS A 254 -25.14 14.10 2.98
C HIS A 254 -25.43 15.51 2.50
N LYS A 255 -25.60 15.72 1.19
CA LYS A 255 -25.85 17.04 0.63
C LYS A 255 -24.73 18.02 1.00
N ARG A 256 -23.50 17.52 0.95
CA ARG A 256 -22.28 18.29 1.15
C ARG A 256 -21.46 18.23 -0.13
N THR A 257 -20.22 18.71 -0.05
CA THR A 257 -19.28 18.64 -1.16
C THR A 257 -18.23 17.57 -0.90
N PRO A 258 -17.59 17.05 -1.95
CA PRO A 258 -16.52 16.06 -1.72
C PRO A 258 -15.44 16.58 -0.81
N ALA A 259 -15.14 17.88 -0.87
CA ALA A 259 -14.15 18.46 0.02
C ALA A 259 -14.57 18.33 1.48
N LEU A 260 -15.84 18.60 1.77
CA LEU A 260 -16.30 18.56 3.15
C LEU A 260 -16.28 17.14 3.71
N ILE A 261 -16.59 16.15 2.87
CA ILE A 261 -16.50 14.76 3.32
C ILE A 261 -15.07 14.42 3.71
N ALA A 262 -14.11 14.87 2.92
CA ALA A 262 -12.71 14.56 3.21
C ALA A 262 -12.24 15.26 4.50
N LEU A 263 -12.67 16.50 4.71
CA LEU A 263 -12.33 17.22 5.94
C LEU A 263 -12.98 16.57 7.15
N ARG A 264 -14.27 16.24 7.05
CA ARG A 264 -14.99 15.64 8.18
C ARG A 264 -14.43 14.27 8.53
N TYR A 265 -13.92 13.55 7.55
CA TYR A 265 -13.30 12.25 7.79
C TYR A 265 -12.17 12.36 8.81
N GLN A 266 -11.27 13.33 8.61
CA GLN A 266 -10.16 13.53 9.54
C GLN A 266 -10.64 13.93 10.92
N LEU A 267 -11.66 14.79 11.00
CA LEU A 267 -12.15 15.24 12.30
C LEU A 267 -12.69 14.08 13.12
N GLN A 268 -13.39 13.15 12.48
CA GLN A 268 -14.01 12.05 13.22
C GLN A 268 -13.04 10.93 13.54
N ARG A 269 -11.85 10.92 12.94
CA ARG A 269 -10.82 9.96 13.30
C ARG A 269 -9.76 10.58 14.19
N GLY A 270 -10.05 11.73 14.79
CA GLY A 270 -9.17 12.36 15.75
C GLY A 270 -8.03 13.14 15.15
N VAL A 271 -8.11 13.50 13.88
CA VAL A 271 -7.04 14.19 13.17
C VAL A 271 -7.39 15.67 13.06
N VAL A 272 -6.43 16.52 13.41
CA VAL A 272 -6.55 17.96 13.17
C VAL A 272 -6.24 18.20 11.70
N VAL A 273 -7.11 18.94 11.01
CA VAL A 273 -7.10 18.99 9.56
C VAL A 273 -6.85 20.41 9.08
N LEU A 274 -5.91 20.56 8.15
CA LEU A 274 -5.66 21.82 7.48
C LEU A 274 -6.45 21.88 6.18
N ALA A 275 -6.79 23.09 5.74
CA ALA A 275 -7.50 23.25 4.48
C ALA A 275 -7.04 24.54 3.83
N LYS A 276 -6.34 24.43 2.70
CA LYS A 276 -5.94 25.59 1.94
C LYS A 276 -7.01 25.91 0.91
N SER A 277 -7.45 27.17 0.90
CA SER A 277 -8.25 27.70 -0.20
C SER A 277 -7.92 29.17 -0.32
N TYR A 278 -7.73 29.63 -1.56
CA TYR A 278 -7.59 31.05 -1.83
C TYR A 278 -8.85 31.62 -2.46
N ASN A 279 -9.98 30.94 -2.30
CA ASN A 279 -11.25 31.33 -2.89
C ASN A 279 -12.25 31.61 -1.78
N GLU A 280 -12.88 32.79 -1.82
CA GLU A 280 -13.73 33.24 -0.73
C GLU A 280 -14.82 32.23 -0.40
N GLN A 281 -15.49 31.70 -1.44
CA GLN A 281 -16.64 30.84 -1.19
C GLN A 281 -16.22 29.49 -0.66
N ARG A 282 -15.10 28.93 -1.14
CA ARG A 282 -14.63 27.66 -0.62
C ARG A 282 -14.02 27.79 0.78
N ILE A 283 -13.43 28.94 1.10
CA ILE A 283 -12.99 29.17 2.47
C ILE A 283 -14.17 29.10 3.43
N ARG A 284 -15.29 29.73 3.06
CA ARG A 284 -16.46 29.69 3.92
C ARG A 284 -17.09 28.31 3.94
N GLN A 285 -17.06 27.60 2.79
CA GLN A 285 -17.60 26.25 2.73
C GLN A 285 -16.89 25.31 3.70
N ASN A 286 -15.57 25.43 3.80
CA ASN A 286 -14.80 24.51 4.64
C ASN A 286 -15.10 24.63 6.12
N VAL A 287 -15.62 25.78 6.58
CA VAL A 287 -16.00 25.90 7.98
C VAL A 287 -17.30 25.18 8.29
N GLN A 288 -18.04 24.74 7.28
CA GLN A 288 -19.22 23.91 7.51
C GLN A 288 -18.87 22.46 7.84
N VAL A 289 -17.59 22.13 8.01
CA VAL A 289 -17.23 20.76 8.38
C VAL A 289 -17.84 20.39 9.72
N PHE A 290 -18.07 21.38 10.59
CA PHE A 290 -18.68 21.14 11.89
C PHE A 290 -20.20 20.98 11.83
N GLU A 291 -20.81 21.11 10.65
CA GLU A 291 -22.26 21.17 10.54
C GLU A 291 -22.92 19.82 10.28
N PHE A 292 -22.16 18.77 10.06
CA PHE A 292 -22.72 17.46 9.77
C PHE A 292 -21.75 16.39 10.25
N GLN A 293 -22.22 15.15 10.28
CA GLN A 293 -21.42 14.02 10.71
C GLN A 293 -21.52 12.88 9.72
N LEU A 294 -20.45 12.10 9.63
CA LEU A 294 -20.47 10.87 8.86
C LEU A 294 -20.79 9.69 9.76
N THR A 295 -21.48 8.70 9.19
CA THR A 295 -21.78 7.50 9.96
C THR A 295 -20.54 6.63 10.09
N ALA A 296 -20.63 5.64 10.98
CA ALA A 296 -19.54 4.67 11.11
C ALA A 296 -19.33 3.93 9.80
N GLU A 297 -20.42 3.54 9.14
CA GLU A 297 -20.29 2.86 7.85
C GLU A 297 -19.68 3.78 6.80
N ASP A 298 -20.06 5.05 6.79
CA ASP A 298 -19.41 6.01 5.91
C ASP A 298 -17.92 6.10 6.21
N MET A 299 -17.57 6.07 7.50
CA MET A 299 -16.17 6.18 7.91
C MET A 299 -15.37 5.01 7.36
N LYS A 300 -15.93 3.80 7.40
CA LYS A 300 -15.24 2.62 6.91
C LYS A 300 -15.11 2.63 5.39
N ALA A 301 -16.11 3.14 4.68
CA ALA A 301 -16.01 3.25 3.23
C ALA A 301 -14.85 4.14 2.83
N ILE A 302 -14.69 5.27 3.51
CA ILE A 302 -13.55 6.14 3.23
C ILE A 302 -12.24 5.46 3.65
N ASP A 303 -12.28 4.70 4.75
CA ASP A 303 -11.10 3.96 5.20
C ASP A 303 -10.58 3.02 4.12
N GLY A 304 -11.47 2.50 3.28
CA GLY A 304 -11.10 1.58 2.24
C GLY A 304 -10.52 2.21 1.00
N LEU A 305 -10.34 3.54 0.98
CA LEU A 305 -9.81 4.20 -0.20
C LEU A 305 -8.30 4.37 -0.18
N ASP A 306 -7.62 4.01 0.91
CA ASP A 306 -6.17 4.16 0.99
C ASP A 306 -5.48 3.41 -0.15
N ARG A 307 -4.53 4.08 -0.80
CA ARG A 307 -3.69 3.42 -1.80
C ARG A 307 -2.23 3.85 -1.69
N ASN A 308 -1.81 4.30 -0.51
CA ASN A 308 -0.42 4.64 -0.24
C ASN A 308 0.10 5.68 -1.24
N LEU A 309 -0.74 6.66 -1.56
CA LEU A 309 -0.46 7.65 -2.58
C LEU A 309 0.09 8.92 -1.93
N HIS A 310 1.38 9.18 -2.14
CA HIS A 310 2.00 10.43 -1.71
C HIS A 310 1.87 11.43 -2.85
N TYR A 311 1.03 12.45 -2.68
CA TYR A 311 0.92 13.46 -3.72
C TYR A 311 2.25 14.18 -3.94
N PHE A 312 3.02 14.38 -2.86
CA PHE A 312 4.33 15.02 -3.02
C PHE A 312 5.32 13.96 -3.44
N ASN A 313 5.54 13.85 -4.75
CA ASN A 313 6.63 13.04 -5.27
C ASN A 313 7.95 13.68 -4.91
N SER A 314 8.90 12.86 -4.48
CA SER A 314 10.19 13.33 -3.97
C SER A 314 11.33 12.57 -4.63
N ASP A 315 11.28 12.50 -5.97
CA ASP A 315 12.35 11.83 -6.71
C ASP A 315 13.72 12.41 -6.38
N SER A 316 13.79 13.71 -6.08
CA SER A 316 15.06 14.34 -5.72
C SER A 316 15.43 14.11 -4.26
N PHE A 317 14.51 13.61 -3.42
CA PHE A 317 14.75 13.50 -1.99
C PHE A 317 14.72 12.06 -1.48
N ALA A 318 14.41 11.08 -2.33
CA ALA A 318 14.29 9.71 -1.87
C ALA A 318 15.60 9.14 -1.37
N SER A 319 16.74 9.73 -1.77
CA SER A 319 18.05 9.29 -1.32
C SER A 319 18.51 9.95 -0.03
N HIS A 320 17.76 10.90 0.49
CA HIS A 320 18.13 11.52 1.75
C HIS A 320 18.12 10.49 2.87
N PRO A 321 19.14 10.47 3.73
CA PRO A 321 19.13 9.51 4.85
C PRO A 321 17.92 9.66 5.76
N ASN A 322 17.29 10.83 5.79
CA ASN A 322 16.12 11.08 6.61
C ASN A 322 14.83 11.12 5.81
N TYR A 323 14.80 10.52 4.63
CA TYR A 323 13.59 10.48 3.83
C TYR A 323 12.53 9.67 4.58
N PRO A 324 11.37 10.25 4.88
CA PRO A 324 10.45 9.61 5.84
C PRO A 324 9.65 8.45 5.29
N TYR A 325 9.61 8.26 3.96
CA TYR A 325 8.79 7.22 3.37
C TYR A 325 9.58 5.97 3.02
N SER A 326 10.85 5.89 3.42
CA SER A 326 11.67 4.71 3.15
C SER A 326 11.59 3.71 4.30
N GLN B 12 -16.01 -22.48 -0.52
CA GLN B 12 -15.57 -23.83 -0.23
C GLN B 12 -14.05 -23.85 -0.05
N CYS B 13 -13.58 -24.67 0.88
CA CYS B 13 -12.16 -24.82 1.15
C CYS B 13 -11.80 -26.30 1.21
N VAL B 14 -10.49 -26.55 1.19
CA VAL B 14 -9.93 -27.88 1.36
C VAL B 14 -8.99 -27.86 2.55
N LYS B 15 -9.06 -28.90 3.37
CA LYS B 15 -8.14 -29.06 4.50
C LYS B 15 -6.74 -29.38 3.99
N LEU B 16 -5.78 -28.55 4.36
CA LEU B 16 -4.39 -28.84 4.03
C LEU B 16 -3.80 -29.80 5.06
N ASN B 17 -2.65 -30.37 4.74
CA ASN B 17 -2.07 -31.39 5.60
C ASN B 17 -1.45 -30.83 6.88
N ASP B 18 -1.36 -29.50 7.03
CA ASP B 18 -0.95 -28.89 8.28
C ASP B 18 -2.14 -28.31 9.06
N GLY B 19 -3.36 -28.69 8.70
CA GLY B 19 -4.54 -28.28 9.41
C GLY B 19 -5.13 -26.95 9.02
N HIS B 20 -4.50 -26.23 8.08
CA HIS B 20 -5.05 -24.97 7.61
C HIS B 20 -5.99 -25.21 6.43
N PHE B 21 -6.72 -24.16 6.05
CA PHE B 21 -7.79 -24.26 5.06
C PHE B 21 -7.53 -23.33 3.89
N MET B 22 -7.72 -23.84 2.68
CA MET B 22 -7.45 -23.11 1.45
C MET B 22 -8.70 -23.04 0.60
N PRO B 23 -9.17 -21.85 0.22
CA PRO B 23 -10.31 -21.77 -0.72
C PRO B 23 -9.98 -22.43 -2.05
N VAL B 24 -10.97 -23.12 -2.61
CA VAL B 24 -10.73 -23.91 -3.82
C VAL B 24 -10.63 -23.04 -5.07
N LEU B 25 -11.09 -21.80 -5.02
CA LEU B 25 -10.99 -20.87 -6.14
C LEU B 25 -10.08 -19.72 -5.72
N GLY B 26 -9.06 -19.45 -6.53
CA GLY B 26 -8.10 -18.41 -6.22
C GLY B 26 -8.00 -17.42 -7.36
N PHE B 27 -7.66 -16.19 -7.02
CA PHE B 27 -7.55 -15.09 -7.97
C PHE B 27 -6.09 -14.93 -8.36
N GLY B 28 -5.78 -15.08 -9.65
CA GLY B 28 -4.43 -14.86 -10.11
C GLY B 28 -4.18 -13.39 -10.37
N THR B 29 -3.05 -12.88 -9.87
CA THR B 29 -2.81 -11.44 -9.95
C THR B 29 -1.72 -11.06 -10.95
N TYR B 30 -1.02 -12.02 -11.57
CA TYR B 30 0.07 -11.63 -12.44
C TYR B 30 -0.45 -11.00 -13.73
N ALA B 31 0.05 -9.81 -14.02
CA ALA B 31 -0.18 -9.10 -15.27
C ALA B 31 1.17 -8.70 -15.84
N PRO B 32 1.30 -8.65 -17.16
CA PRO B 32 2.59 -8.30 -17.77
C PRO B 32 2.97 -6.87 -17.44
N PRO B 33 4.27 -6.52 -17.53
CA PRO B 33 4.71 -5.20 -17.06
C PRO B 33 4.05 -4.02 -17.75
N GLU B 34 3.49 -4.20 -18.96
CA GLU B 34 2.81 -3.11 -19.63
C GLU B 34 1.63 -2.60 -18.79
N VAL B 35 0.95 -3.51 -18.10
CA VAL B 35 -0.19 -3.10 -17.28
C VAL B 35 0.31 -2.20 -16.15
N PRO B 36 -0.27 -1.02 -15.96
CA PRO B 36 0.15 -0.18 -14.83
C PRO B 36 -0.09 -0.87 -13.50
N ARG B 37 0.79 -0.57 -12.54
CA ARG B 37 0.75 -1.27 -11.26
C ARG B 37 -0.54 -0.99 -10.51
N SER B 38 -1.11 0.21 -10.70
CA SER B 38 -2.35 0.56 -10.02
C SER B 38 -3.50 -0.36 -10.39
N LYS B 39 -3.44 -1.01 -11.55
CA LYS B 39 -4.55 -1.88 -11.94
C LYS B 39 -4.64 -3.11 -11.05
N ALA B 40 -3.50 -3.59 -10.53
CA ALA B 40 -3.55 -4.72 -9.61
C ALA B 40 -4.38 -4.39 -8.38
N LEU B 41 -4.30 -3.16 -7.91
CA LEU B 41 -5.08 -2.76 -6.74
C LEU B 41 -6.57 -2.74 -7.06
N GLU B 42 -6.94 -2.21 -8.24
CA GLU B 42 -8.35 -2.13 -8.60
C GLU B 42 -8.96 -3.51 -8.76
N VAL B 43 -8.29 -4.40 -9.51
CA VAL B 43 -8.89 -5.69 -9.83
C VAL B 43 -8.91 -6.62 -8.63
N THR B 44 -7.92 -6.51 -7.73
CA THR B 44 -7.94 -7.37 -6.55
C THR B 44 -9.08 -6.98 -5.60
N LYS B 45 -9.36 -5.68 -5.48
CA LYS B 45 -10.55 -5.27 -4.74
C LYS B 45 -11.82 -5.80 -5.41
N LEU B 46 -11.90 -5.72 -6.74
CA LEU B 46 -13.07 -6.24 -7.43
C LEU B 46 -13.18 -7.75 -7.25
N ALA B 47 -12.05 -8.45 -7.25
CA ALA B 47 -12.04 -9.88 -7.03
C ALA B 47 -12.62 -10.22 -5.66
N ILE B 48 -12.17 -9.52 -4.62
CA ILE B 48 -12.70 -9.77 -3.27
C ILE B 48 -14.17 -9.43 -3.22
N GLU B 49 -14.56 -8.32 -3.86
CA GLU B 49 -15.95 -7.92 -3.92
C GLU B 49 -16.79 -8.97 -4.65
N ALA B 50 -16.21 -9.62 -5.66
CA ALA B 50 -16.94 -10.66 -6.38
C ALA B 50 -17.08 -11.94 -5.55
N GLY B 51 -16.17 -12.16 -4.61
CA GLY B 51 -16.24 -13.34 -3.77
C GLY B 51 -14.96 -14.14 -3.64
N PHE B 52 -13.91 -13.75 -4.37
CA PHE B 52 -12.63 -14.43 -4.20
C PHE B 52 -12.11 -14.21 -2.80
N ARG B 53 -11.62 -15.27 -2.18
CA ARG B 53 -11.00 -15.18 -0.87
C ARG B 53 -9.58 -15.70 -0.88
N HIS B 54 -9.15 -16.30 -1.99
CA HIS B 54 -7.81 -16.83 -2.19
C HIS B 54 -7.15 -15.93 -3.23
N ILE B 55 -6.02 -15.32 -2.85
CA ILE B 55 -5.37 -14.34 -3.71
C ILE B 55 -3.92 -14.77 -3.87
N ASP B 56 -3.49 -14.93 -5.11
CA ASP B 56 -2.17 -15.51 -5.41
C ASP B 56 -1.30 -14.40 -5.98
N SER B 57 -0.23 -14.06 -5.27
CA SER B 57 0.77 -13.10 -5.73
C SER B 57 2.16 -13.75 -5.65
N ALA B 58 3.18 -12.94 -5.90
CA ALA B 58 4.56 -13.41 -5.84
C ALA B 58 5.50 -12.21 -5.93
N HIS B 59 6.74 -12.42 -5.50
CA HIS B 59 7.76 -11.39 -5.66
C HIS B 59 8.04 -11.11 -7.13
N LEU B 60 7.95 -12.14 -7.98
CA LEU B 60 8.16 -11.95 -9.42
C LEU B 60 7.17 -10.96 -10.02
N TYR B 61 5.95 -10.88 -9.47
CA TYR B 61 4.87 -10.16 -10.11
C TYR B 61 4.99 -8.64 -9.98
N ASN B 62 5.85 -8.15 -9.08
CA ASN B 62 6.03 -6.71 -8.86
C ASN B 62 4.69 -6.04 -8.58
N ASN B 63 3.85 -6.70 -7.78
CA ASN B 63 2.55 -6.14 -7.47
C ASN B 63 2.13 -6.32 -6.00
N GLU B 64 3.03 -6.81 -5.13
CA GLU B 64 2.60 -7.18 -3.79
C GLU B 64 2.10 -5.98 -2.99
N GLU B 65 2.68 -4.80 -3.20
CA GLU B 65 2.17 -3.65 -2.46
C GLU B 65 0.74 -3.32 -2.90
N GLN B 66 0.47 -3.39 -4.20
CA GLN B 66 -0.87 -3.12 -4.71
C GLN B 66 -1.86 -4.20 -4.28
N VAL B 67 -1.45 -5.47 -4.36
CA VAL B 67 -2.32 -6.56 -3.89
C VAL B 67 -2.52 -6.47 -2.38
N GLY B 68 -1.45 -6.16 -1.65
CA GLY B 68 -1.59 -5.93 -0.22
C GLY B 68 -2.55 -4.79 0.09
N LEU B 69 -2.46 -3.69 -0.66
CA LEU B 69 -3.34 -2.56 -0.44
C LEU B 69 -4.80 -2.95 -0.68
N ALA B 70 -5.05 -3.81 -1.67
CA ALA B 70 -6.43 -4.22 -1.93
C ALA B 70 -7.00 -5.04 -0.79
N ILE B 71 -6.19 -5.96 -0.24
CA ILE B 71 -6.64 -6.75 0.89
C ILE B 71 -6.93 -5.86 2.09
N ARG B 72 -6.02 -4.93 2.38
CA ARG B 72 -6.25 -3.99 3.49
C ARG B 72 -7.48 -3.13 3.25
N SER B 73 -7.73 -2.74 2.00
CA SER B 73 -8.90 -1.93 1.70
C SER B 73 -10.18 -2.67 2.05
N LYS B 74 -10.25 -3.95 1.69
CA LYS B 74 -11.46 -4.71 1.96
C LYS B 74 -11.59 -5.06 3.43
N ILE B 75 -10.47 -5.14 4.15
CA ILE B 75 -10.53 -5.28 5.60
C ILE B 75 -11.00 -3.98 6.24
N ALA B 76 -10.40 -2.85 5.83
CA ALA B 76 -10.69 -1.57 6.48
C ALA B 76 -12.13 -1.15 6.26
N ASP B 77 -12.70 -1.47 5.09
CA ASP B 77 -14.07 -1.14 4.78
C ASP B 77 -15.10 -2.11 5.38
N GLY B 78 -14.63 -3.15 6.05
CA GLY B 78 -15.51 -4.05 6.77
C GLY B 78 -16.03 -5.24 5.99
N SER B 79 -15.65 -5.40 4.72
CA SER B 79 -16.17 -6.50 3.93
C SER B 79 -15.64 -7.84 4.40
N VAL B 80 -14.35 -7.90 4.76
CA VAL B 80 -13.71 -9.14 5.19
C VAL B 80 -12.83 -8.88 6.39
N LYS B 81 -12.50 -9.95 7.10
CA LYS B 81 -11.44 -9.95 8.09
C LYS B 81 -10.18 -10.55 7.48
N ARG B 82 -9.04 -10.27 8.10
CA ARG B 82 -7.78 -10.87 7.67
C ARG B 82 -7.87 -12.38 7.63
N GLU B 83 -8.56 -12.96 8.61
CA GLU B 83 -8.74 -14.41 8.67
C GLU B 83 -9.53 -14.94 7.50
N ASP B 84 -10.30 -14.08 6.83
CA ASP B 84 -11.13 -14.49 5.70
C ASP B 84 -10.37 -14.54 4.39
N ILE B 85 -9.18 -13.93 4.33
CA ILE B 85 -8.39 -13.85 3.11
C ILE B 85 -7.27 -14.87 3.17
N PHE B 86 -7.11 -15.63 2.11
CA PHE B 86 -6.01 -16.55 1.94
C PHE B 86 -5.05 -15.91 0.96
N TYR B 87 -3.93 -15.40 1.46
CA TYR B 87 -2.95 -14.68 0.63
C TYR B 87 -1.73 -15.55 0.42
N THR B 88 -1.37 -15.72 -0.85
CA THR B 88 -0.20 -16.49 -1.25
C THR B 88 0.87 -15.57 -1.83
N SER B 89 2.11 -15.78 -1.40
CA SER B 89 3.27 -15.22 -2.08
C SER B 89 4.28 -16.33 -2.34
N LYS B 90 5.29 -16.02 -3.16
CA LYS B 90 6.21 -17.01 -3.66
C LYS B 90 7.64 -16.50 -3.58
N LEU B 91 8.54 -17.39 -3.20
CA LEU B 91 9.96 -17.10 -3.15
C LEU B 91 10.54 -17.22 -4.55
N TRP B 92 11.06 -16.11 -5.09
CA TRP B 92 11.58 -16.17 -6.44
C TRP B 92 12.90 -16.95 -6.46
N SER B 93 13.21 -17.50 -7.63
CA SER B 93 14.29 -18.48 -7.79
C SER B 93 15.69 -17.88 -7.62
N THR B 94 15.82 -16.56 -7.54
CA THR B 94 17.11 -15.96 -7.21
C THR B 94 17.37 -15.95 -5.71
N PHE B 95 16.43 -16.45 -4.90
CA PHE B 95 16.53 -16.41 -3.45
C PHE B 95 16.49 -17.81 -2.83
N HIS B 96 16.79 -18.84 -3.63
CA HIS B 96 16.72 -20.22 -3.12
C HIS B 96 17.74 -20.50 -2.03
N ARG B 97 18.87 -19.80 -2.02
CA ARG B 97 19.90 -20.09 -1.02
C ARG B 97 19.33 -19.87 0.38
N PRO B 98 19.57 -20.80 1.32
CA PRO B 98 18.80 -20.79 2.58
C PRO B 98 18.83 -19.48 3.34
N GLU B 99 19.99 -18.80 3.38
CA GLU B 99 20.11 -17.55 4.11
C GLU B 99 19.30 -16.42 3.49
N LEU B 100 18.81 -16.60 2.26
CA LEU B 100 18.04 -15.56 1.59
C LEU B 100 16.53 -15.75 1.70
N VAL B 101 16.06 -16.89 2.21
CA VAL B 101 14.63 -17.19 2.15
C VAL B 101 13.85 -16.31 3.12
N ARG B 102 14.23 -16.34 4.40
CA ARG B 102 13.52 -15.53 5.39
C ARG B 102 13.60 -14.04 5.10
N PRO B 103 14.74 -13.47 4.70
CA PRO B 103 14.73 -12.06 4.25
C PRO B 103 13.83 -11.81 3.06
N ALA B 104 13.74 -12.75 2.12
CA ALA B 104 12.85 -12.56 0.97
C ALA B 104 11.39 -12.48 1.41
N LEU B 105 11.00 -13.33 2.35
CA LEU B 105 9.61 -13.32 2.82
C LEU B 105 9.29 -12.04 3.57
N GLU B 106 10.19 -11.61 4.47
CA GLU B 106 9.89 -10.40 5.23
C GLU B 106 9.91 -9.16 4.33
N ASN B 107 10.71 -9.17 3.27
CA ASN B 107 10.57 -8.10 2.28
C ASN B 107 9.22 -8.17 1.59
N SER B 108 8.76 -9.37 1.24
CA SER B 108 7.45 -9.51 0.61
C SER B 108 6.35 -9.07 1.56
N LEU B 109 6.46 -9.44 2.83
CA LEU B 109 5.46 -9.05 3.82
C LEU B 109 5.40 -7.55 3.97
N LYS B 110 6.56 -6.90 4.02
CA LYS B 110 6.60 -5.48 4.31
C LYS B 110 6.27 -4.64 3.06
N LYS B 111 6.41 -5.22 1.86
CA LYS B 111 5.84 -4.59 0.67
C LYS B 111 4.32 -4.62 0.70
N ALA B 112 3.75 -5.78 1.04
CA ALA B 112 2.31 -5.91 1.11
C ALA B 112 1.70 -5.34 2.38
N GLN B 113 2.55 -4.98 3.35
CA GLN B 113 2.09 -4.49 4.65
C GLN B 113 1.14 -5.48 5.31
N LEU B 114 1.52 -6.76 5.28
CA LEU B 114 0.86 -7.80 6.04
C LEU B 114 1.84 -8.41 7.03
N ASP B 115 1.30 -8.85 8.18
CA ASP B 115 2.13 -9.49 9.19
C ASP B 115 2.52 -10.91 8.78
N TYR B 116 1.67 -11.57 8.00
CA TYR B 116 1.89 -12.95 7.66
C TYR B 116 1.28 -13.25 6.30
N VAL B 117 1.81 -14.28 5.66
CA VAL B 117 1.27 -14.79 4.42
C VAL B 117 0.60 -16.12 4.76
N ASP B 118 -0.58 -16.36 4.17
CA ASP B 118 -1.25 -17.63 4.40
C ASP B 118 -0.47 -18.80 3.81
N LEU B 119 0.22 -18.57 2.69
CA LEU B 119 0.92 -19.64 2.00
C LEU B 119 2.14 -19.07 1.30
N TYR B 120 3.32 -19.57 1.67
CA TYR B 120 4.57 -19.20 1.01
C TYR B 120 5.07 -20.38 0.18
N LEU B 121 5.34 -20.13 -1.09
CA LEU B 121 5.71 -21.16 -2.06
C LEU B 121 7.13 -20.91 -2.58
N ILE B 122 7.87 -22.00 -2.82
CA ILE B 122 8.99 -21.93 -3.74
C ILE B 122 8.43 -21.81 -5.14
N HIS B 123 8.71 -20.67 -5.80
CA HIS B 123 8.04 -20.35 -7.07
C HIS B 123 8.35 -21.38 -8.14
N SER B 124 9.58 -21.88 -8.16
CA SER B 124 10.02 -22.82 -9.19
C SER B 124 11.27 -23.51 -8.68
N PRO B 125 11.53 -24.76 -9.08
CA PRO B 125 12.75 -25.42 -8.64
C PRO B 125 14.00 -25.02 -9.39
N MET B 126 13.88 -24.10 -10.35
CA MET B 126 14.96 -23.78 -11.28
C MET B 126 15.73 -22.57 -10.74
N SER B 127 16.72 -22.85 -9.91
CA SER B 127 17.44 -21.81 -9.18
C SER B 127 18.26 -20.93 -10.12
N LEU B 128 18.39 -19.65 -9.74
CA LEU B 128 19.12 -18.68 -10.53
C LEU B 128 20.14 -17.96 -9.65
N LYS B 129 21.12 -17.33 -10.30
CA LYS B 129 22.18 -16.61 -9.61
C LYS B 129 21.59 -15.60 -8.63
N PRO B 130 21.98 -15.63 -7.36
CA PRO B 130 21.48 -14.63 -6.41
C PRO B 130 21.90 -13.22 -6.82
N GLY B 131 21.00 -12.26 -6.57
CA GLY B 131 21.27 -10.88 -6.91
C GLY B 131 19.99 -10.06 -6.90
N GLU B 132 20.08 -8.87 -7.49
CA GLU B 132 18.95 -7.96 -7.53
C GLU B 132 18.04 -8.16 -8.74
N GLU B 133 18.57 -8.65 -9.85
CA GLU B 133 17.78 -8.83 -11.06
C GLU B 133 16.96 -10.11 -10.99
N LEU B 134 15.71 -10.02 -11.45
CA LEU B 134 14.82 -11.18 -11.43
C LEU B 134 15.30 -12.28 -12.37
N SER B 135 15.91 -11.91 -13.49
CA SER B 135 16.44 -12.88 -14.44
C SER B 135 17.90 -12.54 -14.67
N PRO B 136 18.80 -13.06 -13.83
CA PRO B 136 20.23 -12.75 -13.99
C PRO B 136 20.74 -13.21 -15.35
N THR B 137 21.67 -12.43 -15.90
CA THR B 137 22.12 -12.62 -17.27
C THR B 137 23.60 -12.28 -17.37
N ASP B 138 24.34 -13.13 -18.10
CA ASP B 138 25.78 -12.96 -18.25
C ASP B 138 26.08 -11.99 -19.40
N GLU B 139 27.34 -11.96 -19.82
CA GLU B 139 27.78 -11.11 -20.93
C GLU B 139 27.40 -11.66 -22.30
N ASN B 140 26.75 -12.83 -22.35
CA ASN B 140 26.30 -13.41 -23.62
C ASN B 140 24.79 -13.46 -23.74
N GLY B 141 24.07 -12.68 -22.93
CA GLY B 141 22.62 -12.63 -23.01
C GLY B 141 21.90 -13.83 -22.47
N LYS B 142 22.59 -14.73 -21.77
CA LYS B 142 22.00 -15.98 -21.31
C LYS B 142 21.71 -15.93 -19.82
N VAL B 143 20.62 -16.57 -19.42
CA VAL B 143 20.22 -16.57 -18.00
C VAL B 143 21.20 -17.42 -17.21
N ILE B 144 21.57 -16.93 -16.03
CA ILE B 144 22.60 -17.56 -15.19
C ILE B 144 21.91 -18.44 -14.16
N PHE B 145 22.14 -19.75 -14.26
CA PHE B 145 21.63 -20.74 -13.32
C PHE B 145 22.40 -20.68 -12.01
N ASP B 146 21.83 -21.31 -10.98
CA ASP B 146 22.56 -21.53 -9.74
C ASP B 146 22.23 -22.92 -9.22
N ILE B 147 23.21 -23.51 -8.53
CA ILE B 147 23.07 -24.84 -7.94
C ILE B 147 22.71 -24.67 -6.47
N VAL B 148 21.50 -25.04 -6.10
CA VAL B 148 21.02 -25.00 -4.72
C VAL B 148 20.32 -26.31 -4.43
N ASP B 149 20.73 -26.99 -3.36
CA ASP B 149 19.97 -28.15 -2.90
C ASP B 149 18.64 -27.66 -2.35
N LEU B 150 17.54 -28.00 -3.04
CA LEU B 150 16.22 -27.49 -2.67
C LEU B 150 15.77 -27.99 -1.31
N CYS B 151 16.40 -29.05 -0.79
CA CYS B 151 16.12 -29.48 0.57
C CYS B 151 16.57 -28.43 1.59
N THR B 152 17.68 -27.74 1.31
CA THR B 152 18.10 -26.66 2.19
C THR B 152 17.19 -25.44 2.04
N THR B 153 16.71 -25.18 0.83
CA THR B 153 15.70 -24.15 0.65
C THR B 153 14.45 -24.49 1.46
N TRP B 154 14.02 -25.75 1.41
CA TRP B 154 12.83 -26.15 2.16
C TRP B 154 13.02 -25.97 3.65
N GLU B 155 14.20 -26.31 4.17
CA GLU B 155 14.47 -26.15 5.60
C GLU B 155 14.33 -24.68 6.01
N ALA B 156 14.82 -23.77 5.17
CA ALA B 156 14.64 -22.34 5.45
C ALA B 156 13.17 -21.95 5.39
N MET B 157 12.39 -22.62 4.55
CA MET B 157 10.97 -22.31 4.48
C MET B 157 10.24 -22.87 5.68
N GLU B 158 10.72 -23.99 6.22
CA GLU B 158 10.14 -24.53 7.45
C GLU B 158 10.32 -23.56 8.60
N LYS B 159 11.49 -22.91 8.69
CA LYS B 159 11.70 -21.92 9.74
C LYS B 159 10.74 -20.74 9.60
N CYS B 160 10.36 -20.40 8.37
CA CYS B 160 9.40 -19.32 8.15
C CYS B 160 8.02 -19.67 8.69
N LYS B 161 7.64 -20.95 8.59
CA LYS B 161 6.39 -21.38 9.22
C LYS B 161 6.53 -21.42 10.73
N ASP B 162 7.67 -21.90 11.24
CA ASP B 162 7.92 -21.91 12.69
C ASP B 162 7.92 -20.51 13.25
N ALA B 163 8.42 -19.53 12.50
CA ALA B 163 8.44 -18.15 12.94
C ALA B 163 7.10 -17.46 12.78
N GLY B 164 6.11 -18.13 12.21
CA GLY B 164 4.79 -17.54 12.06
C GLY B 164 4.67 -16.51 10.95
N LEU B 165 5.66 -16.42 10.07
CA LEU B 165 5.57 -15.54 8.91
C LEU B 165 4.70 -16.12 7.80
N ALA B 166 4.69 -17.45 7.67
CA ALA B 166 3.83 -18.13 6.70
C ALA B 166 3.01 -19.17 7.45
N LYS B 167 1.69 -19.10 7.34
CA LYS B 167 0.85 -20.10 7.97
C LYS B 167 1.13 -21.49 7.39
N SER B 168 1.26 -21.59 6.07
CA SER B 168 1.56 -22.84 5.39
C SER B 168 2.62 -22.60 4.35
N ILE B 169 3.35 -23.66 4.00
CA ILE B 169 4.39 -23.60 2.99
C ILE B 169 4.15 -24.68 1.96
N GLY B 170 4.45 -24.37 0.70
CA GLY B 170 4.30 -25.34 -0.36
C GLY B 170 5.32 -25.08 -1.44
N VAL B 171 5.17 -25.76 -2.58
CA VAL B 171 6.08 -25.59 -3.70
C VAL B 171 5.28 -25.33 -4.96
N SER B 172 6.00 -24.96 -6.01
CA SER B 172 5.40 -24.65 -7.30
C SER B 172 6.30 -25.17 -8.39
N ASN B 173 5.68 -25.71 -9.45
CA ASN B 173 6.38 -26.19 -10.63
C ASN B 173 7.33 -27.36 -10.30
N PHE B 174 7.08 -28.06 -9.21
CA PHE B 174 7.82 -29.29 -8.92
C PHE B 174 7.18 -30.46 -9.65
N ASN B 175 8.02 -31.41 -10.07
CA ASN B 175 7.54 -32.67 -10.57
C ASN B 175 7.60 -33.71 -9.45
N ARG B 176 7.24 -34.96 -9.75
CA ARG B 176 7.20 -35.97 -8.72
C ARG B 176 8.58 -36.24 -8.13
N ARG B 177 9.60 -36.32 -8.98
CA ARG B 177 10.96 -36.56 -8.48
C ARG B 177 11.39 -35.47 -7.53
N GLN B 178 11.04 -34.21 -7.84
CA GLN B 178 11.36 -33.11 -6.94
C GLN B 178 10.54 -33.16 -5.66
N LEU B 179 9.25 -33.53 -5.76
CA LEU B 179 8.41 -33.63 -4.57
C LEU B 179 8.92 -34.73 -3.63
N GLU B 180 9.30 -35.88 -4.18
CA GLU B 180 9.79 -36.97 -3.35
C GLU B 180 11.06 -36.58 -2.61
N MET B 181 11.92 -35.78 -3.24
CA MET B 181 13.12 -35.26 -2.59
C MET B 181 12.77 -34.60 -1.27
N ILE B 182 11.78 -33.71 -1.27
CA ILE B 182 11.34 -33.07 -0.04
C ILE B 182 10.72 -34.11 0.90
N LEU B 183 9.82 -34.94 0.37
CA LEU B 183 9.07 -35.87 1.21
C LEU B 183 9.99 -36.87 1.89
N ASN B 184 11.05 -37.29 1.21
CA ASN B 184 11.99 -38.26 1.77
C ASN B 184 13.17 -37.61 2.47
N LYS B 185 13.14 -36.29 2.63
CA LYS B 185 14.27 -35.60 3.25
C LYS B 185 14.39 -36.02 4.72
N PRO B 186 15.58 -36.41 5.18
CA PRO B 186 15.76 -36.68 6.61
C PRO B 186 15.47 -35.45 7.46
N GLY B 187 14.83 -35.67 8.60
CA GLY B 187 14.48 -34.58 9.48
C GLY B 187 13.37 -33.70 8.98
N LEU B 188 12.57 -34.18 8.02
CA LEU B 188 11.46 -33.39 7.49
C LEU B 188 10.48 -33.04 8.60
N LYS B 189 10.15 -31.74 8.69
CA LYS B 189 9.20 -31.26 9.69
C LYS B 189 7.83 -30.93 9.10
N TYR B 190 7.79 -30.36 7.90
CA TYR B 190 6.51 -30.05 7.27
C TYR B 190 6.54 -30.45 5.80
N LYS B 191 5.57 -31.25 5.40
CA LYS B 191 5.40 -31.53 3.98
C LYS B 191 4.88 -30.26 3.29
N PRO B 192 5.07 -30.15 1.97
CA PRO B 192 4.40 -29.09 1.23
C PRO B 192 2.89 -29.30 1.27
N VAL B 193 2.17 -28.22 1.58
CA VAL B 193 0.71 -28.33 1.58
C VAL B 193 0.17 -28.39 0.16
N CYS B 194 0.93 -27.94 -0.82
CA CYS B 194 0.43 -27.88 -2.18
C CYS B 194 1.60 -27.88 -3.16
N ASN B 195 1.29 -28.20 -4.41
CA ASN B 195 2.21 -28.04 -5.53
C ASN B 195 1.43 -27.31 -6.62
N GLN B 196 1.75 -26.05 -6.84
CA GLN B 196 1.05 -25.22 -7.82
C GLN B 196 1.73 -25.40 -9.17
N VAL B 197 1.02 -25.99 -10.13
CA VAL B 197 1.59 -26.35 -11.41
C VAL B 197 0.63 -25.97 -12.53
N GLU B 198 1.18 -25.87 -13.74
CA GLU B 198 0.33 -25.63 -14.89
C GLU B 198 -0.59 -26.82 -15.07
N CYS B 199 -1.88 -26.55 -15.22
CA CYS B 199 -2.84 -27.64 -15.23
C CYS B 199 -4.12 -27.14 -15.89
N HIS B 200 -4.50 -27.78 -16.99
CA HIS B 200 -5.67 -27.41 -17.77
C HIS B 200 -6.05 -28.61 -18.62
N PRO B 201 -7.18 -28.54 -19.35
CA PRO B 201 -7.59 -29.72 -20.14
C PRO B 201 -6.56 -30.21 -21.15
N TYR B 202 -5.67 -29.34 -21.65
CA TYR B 202 -4.62 -29.82 -22.56
C TYR B 202 -3.37 -30.32 -21.82
N PHE B 203 -3.25 -30.05 -20.53
CA PHE B 203 -2.14 -30.56 -19.69
C PHE B 203 -2.75 -30.86 -18.32
N ASN B 204 -3.40 -32.02 -18.18
CA ASN B 204 -4.27 -32.21 -17.01
C ASN B 204 -3.55 -32.80 -15.81
N ARG B 205 -2.30 -33.25 -15.97
CA ARG B 205 -1.43 -33.67 -14.86
C ARG B 205 -2.06 -34.77 -14.02
N SER B 206 -2.83 -35.67 -14.64
CA SER B 206 -3.55 -36.68 -13.88
C SER B 206 -2.60 -37.58 -13.09
N LYS B 207 -1.44 -37.90 -13.67
CA LYS B 207 -0.45 -38.70 -12.97
C LYS B 207 0.11 -37.95 -11.76
N LEU B 208 0.50 -36.68 -11.96
CA LEU B 208 0.93 -35.85 -10.84
C LEU B 208 -0.18 -35.69 -9.82
N LEU B 209 -1.42 -35.48 -10.28
CA LEU B 209 -2.54 -35.28 -9.38
C LEU B 209 -2.76 -36.50 -8.49
N ASP B 210 -2.72 -37.70 -9.08
CA ASP B 210 -2.87 -38.92 -8.30
C ASP B 210 -1.76 -39.05 -7.26
N PHE B 211 -0.51 -38.75 -7.64
CA PHE B 211 0.58 -38.85 -6.68
C PHE B 211 0.38 -37.88 -5.51
N CYS B 212 0.03 -36.63 -5.82
CA CYS B 212 -0.16 -35.64 -4.78
C CYS B 212 -1.29 -36.04 -3.84
N LYS B 213 -2.39 -36.58 -4.41
CA LYS B 213 -3.48 -37.06 -3.59
C LYS B 213 -3.01 -38.16 -2.63
N SER B 214 -2.15 -39.07 -3.11
CA SER B 214 -1.66 -40.14 -2.26
C SER B 214 -0.84 -39.60 -1.10
N LYS B 215 -0.21 -38.44 -1.26
CA LYS B 215 0.59 -37.82 -0.21
C LYS B 215 -0.13 -36.67 0.48
N ASP B 216 -1.43 -36.51 0.25
CA ASP B 216 -2.23 -35.43 0.82
C ASP B 216 -1.63 -34.06 0.51
N ILE B 217 -1.16 -33.90 -0.73
CA ILE B 217 -0.68 -32.62 -1.24
C ILE B 217 -1.72 -32.10 -2.22
N VAL B 218 -2.14 -30.85 -2.04
CA VAL B 218 -3.16 -30.27 -2.92
C VAL B 218 -2.47 -29.80 -4.20
N LEU B 219 -2.99 -30.22 -5.34
CA LEU B 219 -2.52 -29.65 -6.60
C LEU B 219 -3.28 -28.35 -6.86
N VAL B 220 -2.53 -27.28 -7.14
CA VAL B 220 -3.11 -25.98 -7.48
C VAL B 220 -2.80 -25.72 -8.94
N ALA B 221 -3.85 -25.46 -9.73
CA ALA B 221 -3.72 -25.32 -11.16
C ALA B 221 -3.53 -23.85 -11.53
N TYR B 222 -2.42 -23.54 -12.19
CA TYR B 222 -2.28 -22.26 -12.85
C TYR B 222 -2.39 -22.45 -14.35
N SER B 223 -2.62 -21.34 -15.05
CA SER B 223 -2.90 -21.38 -16.48
C SER B 223 -4.08 -22.29 -16.77
N ALA B 224 -4.99 -22.39 -15.81
CA ALA B 224 -6.16 -23.25 -15.98
C ALA B 224 -7.10 -22.74 -17.08
N LEU B 225 -6.93 -21.49 -17.50
CA LEU B 225 -7.71 -20.94 -18.59
C LEU B 225 -6.92 -20.87 -19.89
N GLY B 226 -5.76 -21.52 -19.95
CA GLY B 226 -4.95 -21.52 -21.14
C GLY B 226 -3.78 -20.55 -21.14
N SER B 227 -3.47 -19.97 -19.98
CA SER B 227 -2.38 -19.01 -19.82
C SER B 227 -2.69 -17.68 -20.50
N GLN B 228 -1.88 -16.67 -20.20
CA GLN B 228 -2.03 -15.35 -20.78
C GLN B 228 -1.36 -15.25 -22.15
N ARG B 229 -0.77 -16.35 -22.62
CA ARG B 229 -0.25 -16.44 -23.98
C ARG B 229 0.81 -15.37 -24.24
N ASP B 230 1.58 -15.04 -23.19
CA ASP B 230 2.64 -14.06 -23.32
C ASP B 230 3.73 -14.60 -24.23
N LYS B 231 4.09 -13.80 -25.23
CA LYS B 231 4.97 -14.25 -26.30
C LYS B 231 6.35 -14.62 -25.80
N ARG B 232 6.80 -14.01 -24.71
CA ARG B 232 8.11 -14.31 -24.17
C ARG B 232 8.20 -15.76 -23.69
N TRP B 233 7.08 -16.40 -23.41
CA TRP B 233 7.10 -17.76 -22.89
C TRP B 233 6.13 -18.72 -23.56
N VAL B 234 5.19 -18.25 -24.37
CA VAL B 234 4.16 -19.10 -24.97
C VAL B 234 4.21 -18.92 -26.49
N ASP B 235 4.24 -20.03 -27.21
CA ASP B 235 4.18 -19.97 -28.67
C ASP B 235 2.81 -19.46 -29.09
N PRO B 236 2.73 -18.35 -29.84
CA PRO B 236 1.41 -17.80 -30.19
C PRO B 236 0.59 -18.69 -31.12
N ASN B 237 1.20 -19.67 -31.78
CA ASN B 237 0.46 -20.57 -32.65
C ASN B 237 0.04 -21.85 -31.94
N SER B 238 0.31 -21.95 -30.64
CA SER B 238 -0.25 -23.03 -29.83
C SER B 238 -1.78 -22.90 -29.78
N PRO B 239 -2.49 -24.02 -29.63
CA PRO B 239 -3.96 -23.96 -29.66
C PRO B 239 -4.51 -23.21 -28.45
N VAL B 240 -5.47 -22.33 -28.70
CA VAL B 240 -6.09 -21.56 -27.62
C VAL B 240 -7.04 -22.47 -26.86
N LEU B 241 -6.78 -22.64 -25.55
CA LEU B 241 -7.55 -23.60 -24.76
C LEU B 241 -9.04 -23.30 -24.81
N LEU B 242 -9.42 -22.03 -24.61
CA LEU B 242 -10.84 -21.69 -24.49
C LEU B 242 -11.58 -21.78 -25.81
N GLU B 243 -10.87 -21.98 -26.92
CA GLU B 243 -11.50 -22.14 -28.23
C GLU B 243 -11.73 -23.61 -28.58
N ASP B 244 -11.44 -24.52 -27.65
CA ASP B 244 -11.55 -25.94 -27.91
C ASP B 244 -13.00 -26.32 -28.19
N PRO B 245 -13.28 -27.04 -29.27
CA PRO B 245 -14.67 -27.39 -29.61
C PRO B 245 -15.39 -28.18 -28.53
N VAL B 246 -14.70 -29.07 -27.81
CA VAL B 246 -15.36 -29.84 -26.76
C VAL B 246 -15.75 -28.94 -25.60
N LEU B 247 -14.83 -28.05 -25.19
CA LEU B 247 -15.16 -27.08 -24.14
C LEU B 247 -16.30 -26.16 -24.59
N CYS B 248 -16.31 -25.79 -25.86
CA CYS B 248 -17.38 -24.92 -26.38
C CYS B 248 -18.72 -25.65 -26.42
N ALA B 249 -18.72 -26.92 -26.85
CA ALA B 249 -19.95 -27.70 -26.83
C ALA B 249 -20.46 -27.88 -25.41
N LEU B 250 -19.55 -28.11 -24.46
CA LEU B 250 -19.93 -28.22 -23.06
C LEU B 250 -20.48 -26.90 -22.53
N ALA B 251 -19.89 -25.78 -22.96
CA ALA B 251 -20.39 -24.47 -22.53
C ALA B 251 -21.82 -24.25 -23.00
N LYS B 252 -22.14 -24.66 -24.23
CA LYS B 252 -23.51 -24.55 -24.72
C LYS B 252 -24.44 -25.50 -23.98
N LYS B 253 -23.95 -26.68 -23.59
CA LYS B 253 -24.80 -27.65 -22.92
C LYS B 253 -25.29 -27.13 -21.59
N HIS B 254 -24.45 -26.41 -20.85
CA HIS B 254 -24.78 -25.93 -19.52
C HIS B 254 -25.13 -24.44 -19.47
N LYS B 255 -25.19 -23.77 -20.62
CA LYS B 255 -25.39 -22.32 -20.67
C LYS B 255 -24.35 -21.60 -19.80
N ARG B 256 -23.10 -22.03 -19.91
CA ARG B 256 -21.97 -21.39 -19.28
C ARG B 256 -21.01 -20.90 -20.36
N THR B 257 -19.82 -20.49 -19.96
CA THR B 257 -18.76 -20.12 -20.88
C THR B 257 -17.67 -21.18 -20.84
N PRO B 258 -16.83 -21.28 -21.89
CA PRO B 258 -15.75 -22.26 -21.86
C PRO B 258 -14.82 -22.09 -20.67
N ALA B 259 -14.60 -20.86 -20.20
CA ALA B 259 -13.75 -20.66 -19.04
C ALA B 259 -14.36 -21.29 -17.80
N LEU B 260 -15.67 -21.16 -17.63
CA LEU B 260 -16.33 -21.76 -16.48
C LEU B 260 -16.24 -23.27 -16.53
N ILE B 261 -16.33 -23.85 -17.73
CA ILE B 261 -16.19 -25.30 -17.87
C ILE B 261 -14.78 -25.73 -17.46
N ALA B 262 -13.77 -24.96 -17.90
CA ALA B 262 -12.38 -25.29 -17.56
C ALA B 262 -12.13 -25.17 -16.07
N LEU B 263 -12.71 -24.14 -15.42
CA LEU B 263 -12.54 -24.02 -13.98
C LEU B 263 -13.29 -25.13 -13.25
N ARG B 264 -14.53 -25.40 -13.66
CA ARG B 264 -15.33 -26.41 -12.99
C ARG B 264 -14.70 -27.78 -13.09
N TYR B 265 -14.03 -28.05 -14.21
CA TYR B 265 -13.34 -29.32 -14.37
C TYR B 265 -12.35 -29.56 -13.25
N GLN B 266 -11.54 -28.54 -12.91
CA GLN B 266 -10.54 -28.71 -11.86
C GLN B 266 -11.17 -28.87 -10.49
N LEU B 267 -12.25 -28.14 -10.21
CA LEU B 267 -12.89 -28.27 -8.90
C LEU B 267 -13.43 -29.68 -8.68
N GLN B 268 -13.98 -30.29 -9.73
CA GLN B 268 -14.62 -31.60 -9.62
C GLN B 268 -13.63 -32.76 -9.62
N ARG B 269 -12.35 -32.50 -9.86
CA ARG B 269 -11.32 -33.53 -9.78
C ARG B 269 -10.39 -33.35 -8.60
N GLY B 270 -10.71 -32.48 -7.65
CA GLY B 270 -9.91 -32.32 -6.45
C GLY B 270 -8.79 -31.30 -6.55
N VAL B 271 -8.80 -30.45 -7.57
CA VAL B 271 -7.77 -29.46 -7.78
C VAL B 271 -8.29 -28.10 -7.34
N VAL B 272 -7.46 -27.36 -6.59
CA VAL B 272 -7.70 -25.95 -6.32
C VAL B 272 -7.29 -25.16 -7.56
N VAL B 273 -8.14 -24.25 -8.02
CA VAL B 273 -7.95 -23.63 -9.31
C VAL B 273 -7.77 -22.12 -9.18
N LEU B 274 -6.79 -21.60 -9.90
CA LEU B 274 -6.54 -20.17 -9.98
C LEU B 274 -7.16 -19.63 -11.26
N ALA B 275 -7.49 -18.34 -11.25
CA ALA B 275 -8.07 -17.72 -12.44
C ALA B 275 -7.68 -16.25 -12.43
N LYS B 276 -6.84 -15.87 -13.39
CA LYS B 276 -6.45 -14.48 -13.56
C LYS B 276 -7.46 -13.80 -14.48
N SER B 277 -7.92 -12.62 -14.06
CA SER B 277 -8.60 -11.73 -14.98
C SER B 277 -8.41 -10.32 -14.47
N TYR B 278 -8.06 -9.41 -15.38
CA TYR B 278 -8.04 -8.00 -15.06
C TYR B 278 -9.25 -7.28 -15.64
N ASN B 279 -10.33 -8.00 -15.90
CA ASN B 279 -11.57 -7.47 -16.46
C ASN B 279 -12.69 -7.66 -15.46
N GLU B 280 -13.37 -6.55 -15.11
CA GLU B 280 -14.35 -6.61 -14.03
C GLU B 280 -15.41 -7.67 -14.28
N GLN B 281 -15.95 -7.72 -15.51
CA GLN B 281 -17.04 -8.65 -15.79
C GLN B 281 -16.56 -10.10 -15.74
N ARG B 282 -15.38 -10.38 -16.31
CA ARG B 282 -14.90 -11.76 -16.30
C ARG B 282 -14.53 -12.21 -14.89
N ILE B 283 -13.99 -11.32 -14.06
CA ILE B 283 -13.76 -11.67 -12.66
C ILE B 283 -15.07 -12.14 -12.02
N ARG B 284 -16.14 -11.38 -12.23
CA ARG B 284 -17.43 -11.70 -11.63
C ARG B 284 -18.00 -12.98 -12.22
N GLN B 285 -17.79 -13.21 -13.52
CA GLN B 285 -18.24 -14.44 -14.15
C GLN B 285 -17.56 -15.66 -13.56
N ASN B 286 -16.28 -15.55 -13.21
CA ASN B 286 -15.52 -16.72 -12.80
C ASN B 286 -16.00 -17.29 -11.47
N VAL B 287 -16.51 -16.46 -10.55
CA VAL B 287 -17.07 -17.00 -9.31
C VAL B 287 -18.37 -17.76 -9.54
N GLN B 288 -18.98 -17.65 -10.73
CA GLN B 288 -20.13 -18.47 -11.05
C GLN B 288 -19.77 -19.94 -11.27
N VAL B 289 -18.49 -20.31 -11.14
CA VAL B 289 -18.09 -21.70 -11.28
C VAL B 289 -18.81 -22.56 -10.25
N PHE B 290 -19.19 -21.96 -9.11
CA PHE B 290 -19.82 -22.69 -8.03
C PHE B 290 -21.31 -22.95 -8.26
N GLU B 291 -21.86 -22.45 -9.37
CA GLU B 291 -23.30 -22.43 -9.61
C GLU B 291 -23.80 -23.60 -10.45
N PHE B 292 -22.93 -24.51 -10.88
CA PHE B 292 -23.35 -25.60 -11.75
C PHE B 292 -22.41 -26.78 -11.55
N GLN B 293 -22.79 -27.93 -12.11
CA GLN B 293 -22.02 -29.17 -11.99
C GLN B 293 -21.82 -29.77 -13.37
N LEU B 294 -20.68 -30.43 -13.55
CA LEU B 294 -20.42 -31.23 -14.73
C LEU B 294 -20.80 -32.68 -14.46
N THR B 295 -21.39 -33.34 -15.44
CA THR B 295 -21.71 -34.75 -15.27
C THR B 295 -20.42 -35.57 -15.27
N ALA B 296 -20.52 -36.80 -14.76
CA ALA B 296 -19.37 -37.69 -14.81
C ALA B 296 -18.96 -37.95 -16.26
N GLU B 297 -19.92 -37.89 -17.18
CA GLU B 297 -19.59 -38.06 -18.60
C GLU B 297 -18.93 -36.81 -19.15
N ASP B 298 -19.34 -35.63 -18.69
CA ASP B 298 -18.66 -34.41 -19.11
C ASP B 298 -17.21 -34.43 -18.64
N MET B 299 -16.98 -34.91 -17.42
CA MET B 299 -15.64 -35.03 -16.86
C MET B 299 -14.74 -35.90 -17.73
N LYS B 300 -15.25 -37.05 -18.18
CA LYS B 300 -14.44 -37.92 -19.03
C LYS B 300 -14.15 -37.27 -20.37
N ALA B 301 -15.10 -36.52 -20.91
CA ALA B 301 -14.88 -35.83 -22.18
C ALA B 301 -13.75 -34.82 -22.08
N ILE B 302 -13.70 -34.07 -20.97
CA ILE B 302 -12.60 -33.12 -20.78
C ILE B 302 -11.30 -33.88 -20.55
N ASP B 303 -11.38 -35.02 -19.84
CA ASP B 303 -10.19 -35.81 -19.56
C ASP B 303 -9.46 -36.17 -20.85
N GLY B 304 -10.21 -36.49 -21.90
CA GLY B 304 -9.68 -36.90 -23.18
C GLY B 304 -9.12 -35.79 -24.04
N LEU B 305 -9.10 -34.55 -23.55
CA LEU B 305 -8.57 -33.42 -24.31
C LEU B 305 -7.07 -33.23 -24.14
N ASP B 306 -6.45 -33.95 -23.21
CA ASP B 306 -5.05 -33.69 -22.88
C ASP B 306 -4.16 -33.93 -24.09
N ARG B 307 -3.29 -32.97 -24.37
CA ARG B 307 -2.31 -33.06 -25.45
C ARG B 307 -0.88 -33.01 -24.95
N ASN B 308 -0.67 -33.13 -23.63
CA ASN B 308 0.66 -32.99 -23.03
C ASN B 308 1.27 -31.63 -23.38
N LEU B 309 0.43 -30.59 -23.38
CA LEU B 309 0.84 -29.26 -23.81
C LEU B 309 1.03 -28.34 -22.60
N HIS B 310 2.28 -28.07 -22.25
CA HIS B 310 2.57 -27.01 -21.30
C HIS B 310 2.80 -25.72 -22.09
N TYR B 311 2.03 -24.69 -21.78
CA TYR B 311 2.06 -23.48 -22.56
C TYR B 311 3.38 -22.74 -22.37
N PHE B 312 3.96 -22.80 -21.17
CA PHE B 312 5.23 -22.17 -20.90
C PHE B 312 6.37 -23.01 -21.47
N ASN B 313 7.20 -22.41 -22.32
CA ASN B 313 8.36 -23.08 -22.88
C ASN B 313 9.56 -22.13 -22.86
N SER B 314 10.75 -22.73 -22.76
CA SER B 314 11.99 -21.94 -22.81
C SER B 314 13.14 -22.88 -23.17
N ASP B 315 13.78 -22.62 -24.32
CA ASP B 315 15.03 -23.30 -24.64
C ASP B 315 16.07 -23.07 -23.56
N SER B 316 16.11 -21.84 -23.03
CA SER B 316 17.12 -21.48 -22.04
C SER B 316 16.92 -22.25 -20.74
N PHE B 317 15.68 -22.57 -20.38
CA PHE B 317 15.41 -23.26 -19.12
C PHE B 317 15.29 -24.77 -19.28
N ALA B 318 15.18 -25.27 -20.53
CA ALA B 318 15.08 -26.72 -20.74
C ALA B 318 16.34 -27.43 -20.29
N SER B 319 17.48 -26.74 -20.28
CA SER B 319 18.75 -27.33 -19.86
C SER B 319 19.00 -27.23 -18.37
N HIS B 320 18.11 -26.56 -17.62
CA HIS B 320 18.30 -26.49 -16.19
C HIS B 320 18.24 -27.87 -15.57
N PRO B 321 19.16 -28.22 -14.67
CA PRO B 321 19.09 -29.54 -14.02
C PRO B 321 17.76 -29.80 -13.32
N ASN B 322 17.09 -28.76 -12.84
CA ASN B 322 15.80 -28.87 -12.18
C ASN B 322 14.64 -28.48 -13.08
N TYR B 323 14.82 -28.53 -14.39
CA TYR B 323 13.72 -28.32 -15.31
C TYR B 323 12.61 -29.31 -15.01
N PRO B 324 11.40 -28.85 -14.71
CA PRO B 324 10.36 -29.79 -14.22
C PRO B 324 9.84 -30.76 -15.25
N TYR B 325 10.03 -30.50 -16.55
CA TYR B 325 9.34 -31.24 -17.59
C TYR B 325 10.24 -32.24 -18.31
N SER B 326 11.48 -32.40 -17.86
CA SER B 326 12.39 -33.33 -18.50
C SER B 326 11.94 -34.76 -18.31
#